data_7C27
#
_entry.id   7C27
#
_cell.length_a   104.811
_cell.length_b   104.811
_cell.length_c   90.158
_cell.angle_alpha   90.000
_cell.angle_beta   90.000
_cell.angle_gamma   90.000
#
_symmetry.space_group_name_H-M   'P 4 21 2'
#
loop_
_entity.id
_entity.type
_entity.pdbx_description
1 polymer 'Isomaltose glucohydrolase'
2 non-polymer GLYCEROL
3 non-polymer 'CITRIC ACID'
4 non-polymer 'AMMONIUM ION'
5 water water
#
_entity_poly.entity_id   1
_entity_poly.type   'polypeptide(L)'
_entity_poly.pdbx_seq_one_letter_code
;MGSSHHHHHHSSGLVPRGSHMTTSARDTGLDSHELARLHELARHSHAVITRHQDAGGAYPAAPTFSAYRGYAWLRDGSFT
AEGISRYGDVASAGRFHDWVDGVLRRRRGQVDDLLAAVDRGEVPSNEGMLPTRFTFDGNDGSDPWWDFQTDGYGMWLWSV
VTHAARHGLDLERWRAGIDVAVDYLLAFWDRPCYDWWEEHVEHRHVSTLGAIHGGLVAVGT(CSX)AALRSAPWSAATLQ
VAARIRSLVSAEGVVDGHLVKWLGSSAVDGSLPACVVPFGLVPPDDDVAAMTRAAVAKDLDVDGGVHRFAADVYYGGGQW
ILLSALLGWNLAAAGDTAGALRHLRWIADQADADGDLPEQVPHHLLHPGSRAEWVARWGTVATPLLWSHGMYLILADELG
LLPPAAKDA
;
_entity_poly.pdbx_strand_id   A
#
loop_
_chem_comp.id
_chem_comp.type
_chem_comp.name
_chem_comp.formula
CIT non-polymer 'CITRIC ACID' 'C6 H8 O7'
GOL non-polymer GLYCEROL 'C3 H8 O3'
NH4 non-polymer 'AMMONIUM ION' 'H4 N 1'
#
# COMPACT_ATOMS: atom_id res chain seq x y z
N GLY A 29 20.05 -15.09 -15.75
CA GLY A 29 19.33 -14.85 -14.47
C GLY A 29 20.29 -14.57 -13.33
N LEU A 30 20.34 -15.50 -12.37
CA LEU A 30 21.11 -15.40 -11.08
C LEU A 30 22.09 -16.56 -11.03
N ASP A 31 23.33 -16.32 -10.58
CA ASP A 31 24.23 -17.44 -10.21
C ASP A 31 23.73 -17.90 -8.85
N SER A 32 24.16 -19.05 -8.34
CA SER A 32 23.68 -19.57 -7.05
C SER A 32 24.13 -18.64 -5.92
N HIS A 33 25.16 -17.82 -6.12
CA HIS A 33 25.62 -16.76 -5.17
C HIS A 33 24.38 -15.89 -4.86
N GLU A 34 23.78 -15.28 -5.90
CA GLU A 34 22.59 -14.39 -5.84
C GLU A 34 21.38 -15.18 -5.34
N LEU A 35 21.06 -16.32 -5.96
CA LEU A 35 19.87 -17.12 -5.59
C LEU A 35 19.93 -17.38 -4.09
N ALA A 36 21.10 -17.78 -3.60
CA ALA A 36 21.31 -18.09 -2.16
C ALA A 36 20.97 -16.86 -1.33
N ARG A 37 21.54 -15.69 -1.66
CA ARG A 37 21.32 -14.40 -0.91
C ARG A 37 19.80 -14.10 -0.94
N LEU A 38 19.16 -14.17 -2.12
CA LEU A 38 17.74 -13.75 -2.33
C LEU A 38 16.80 -14.67 -1.54
N HIS A 39 17.06 -16.00 -1.55
CA HIS A 39 16.30 -17.02 -0.80
C HIS A 39 16.37 -16.73 0.69
N GLU A 40 17.55 -16.43 1.21
CA GLU A 40 17.76 -16.25 2.66
C GLU A 40 17.04 -14.97 3.08
N LEU A 41 17.08 -13.93 2.25
CA LEU A 41 16.38 -12.65 2.54
C LEU A 41 14.85 -12.89 2.61
N ALA A 42 14.30 -13.74 1.73
CA ALA A 42 12.86 -14.15 1.72
C ALA A 42 12.49 -14.83 3.03
N ARG A 43 13.31 -15.79 3.47
CA ARG A 43 13.08 -16.52 4.74
C ARG A 43 13.13 -15.51 5.89
N HIS A 44 14.08 -14.57 5.86
CA HIS A 44 14.24 -13.56 6.93
C HIS A 44 13.02 -12.60 6.87
N SER A 45 12.61 -12.21 5.68
CA SER A 45 11.40 -11.36 5.47
C SER A 45 10.21 -12.02 6.17
N HIS A 46 9.98 -13.31 5.93
CA HIS A 46 8.92 -14.06 6.65
C HIS A 46 9.08 -13.96 8.16
N ALA A 47 10.31 -14.12 8.66
CA ALA A 47 10.54 -14.30 10.11
C ALA A 47 10.31 -12.97 10.80
N VAL A 48 10.87 -11.90 10.22
CA VAL A 48 10.74 -10.50 10.73
C VAL A 48 9.24 -10.17 10.89
N ILE A 49 8.47 -10.35 9.82
CA ILE A 49 7.02 -10.00 9.79
C ILE A 49 6.28 -10.81 10.86
N THR A 50 6.43 -12.12 10.87
CA THR A 50 5.65 -13.01 11.78
C THR A 50 6.10 -12.84 13.23
N ARG A 51 7.40 -12.72 13.49
CA ARG A 51 7.94 -12.49 14.86
C ARG A 51 7.37 -11.18 15.43
N HIS A 52 7.18 -10.12 14.63
CA HIS A 52 6.73 -8.81 15.16
C HIS A 52 5.21 -8.66 15.07
N GLN A 53 4.50 -9.56 14.40
CA GLN A 53 3.01 -9.56 14.41
C GLN A 53 2.54 -9.50 15.86
N ASP A 54 1.68 -8.55 16.20
CA ASP A 54 1.07 -8.42 17.55
C ASP A 54 0.20 -9.64 17.82
N ALA A 55 0.01 -9.95 19.09
CA ALA A 55 -0.76 -11.13 19.54
C ALA A 55 -2.17 -11.08 18.94
N GLY A 56 -2.67 -9.86 18.69
CA GLY A 56 -4.08 -9.62 18.26
C GLY A 56 -4.26 -9.82 16.78
N GLY A 57 -3.15 -9.87 16.03
CA GLY A 57 -3.13 -10.10 14.57
C GLY A 57 -2.52 -8.95 13.79
N ALA A 58 -2.49 -7.73 14.35
CA ALA A 58 -2.00 -6.53 13.64
C ALA A 58 -0.53 -6.73 13.28
N TYR A 59 -0.16 -6.30 12.10
CA TYR A 59 1.24 -6.10 11.70
C TYR A 59 1.61 -4.66 12.02
N PRO A 60 2.65 -4.46 12.85
CA PRO A 60 3.15 -3.12 13.13
C PRO A 60 3.88 -2.62 11.89
N ALA A 61 4.09 -1.31 11.82
CA ALA A 61 4.88 -0.67 10.74
C ALA A 61 6.39 -0.94 10.94
N ALA A 62 6.85 -0.61 12.13
CA ALA A 62 8.26 -0.70 12.56
C ALA A 62 8.28 -0.77 14.08
N PRO A 63 8.68 -1.93 14.68
CA PRO A 63 8.74 -2.05 16.13
C PRO A 63 9.73 -1.11 16.82
N THR A 64 10.79 -0.66 16.15
CA THR A 64 11.89 0.09 16.84
C THR A 64 11.96 1.56 16.40
N PHE A 65 11.10 2.02 15.50
CA PHE A 65 11.15 3.44 15.08
C PHE A 65 10.26 4.27 16.03
N SER A 66 10.83 5.32 16.62
CA SER A 66 10.20 6.20 17.62
C SER A 66 8.81 6.63 17.13
N ALA A 67 8.70 7.18 15.91
CA ALA A 67 7.47 7.83 15.42
C ALA A 67 6.39 6.80 15.08
N TYR A 68 6.71 5.55 14.71
CA TYR A 68 5.70 4.59 14.18
C TYR A 68 5.38 3.51 15.22
N ARG A 69 6.25 3.30 16.20
CA ARG A 69 6.15 2.12 17.10
C ARG A 69 4.87 2.21 17.92
N GLY A 70 4.22 1.07 18.12
CA GLY A 70 2.94 0.91 18.84
C GLY A 70 1.71 1.07 17.96
N TYR A 71 1.87 1.23 16.65
CA TYR A 71 0.78 1.55 15.70
C TYR A 71 0.82 0.59 14.49
N ALA A 72 -0.37 0.37 13.92
CA ALA A 72 -0.59 -0.40 12.70
C ALA A 72 -1.31 0.49 11.70
N TRP A 73 -0.93 0.34 10.44
CA TRP A 73 -1.52 0.99 9.24
C TRP A 73 -2.13 -0.13 8.39
N LEU A 74 -3.31 0.07 7.83
CA LEU A 74 -3.89 -0.90 6.85
C LEU A 74 -3.05 -0.91 5.58
N ARG A 75 -2.47 0.22 5.19
CA ARG A 75 -1.63 0.26 3.98
C ARG A 75 -0.43 -0.69 4.17
N ASP A 76 0.43 -0.41 5.15
CA ASP A 76 1.61 -1.25 5.48
C ASP A 76 1.12 -2.70 5.68
N GLY A 77 0.10 -2.89 6.50
CA GLY A 77 -0.41 -4.23 6.88
C GLY A 77 -0.91 -5.04 5.70
N SER A 78 -1.59 -4.40 4.74
CA SER A 78 -2.21 -5.07 3.58
C SER A 78 -1.09 -5.55 2.63
N PHE A 79 -0.12 -4.73 2.29
CA PHE A 79 1.00 -5.20 1.42
C PHE A 79 1.77 -6.25 2.20
N THR A 80 1.97 -6.05 3.50
CA THR A 80 2.68 -7.04 4.36
C THR A 80 1.91 -8.35 4.27
N ALA A 81 0.59 -8.30 4.40
CA ALA A 81 -0.26 -9.52 4.38
C ALA A 81 -0.17 -10.19 3.01
N GLU A 82 -0.09 -9.43 1.92
CA GLU A 82 -0.05 -10.04 0.57
C GLU A 82 1.29 -10.78 0.40
N GLY A 83 2.38 -10.18 0.89
CA GLY A 83 3.72 -10.80 0.91
C GLY A 83 3.63 -12.15 1.60
N ILE A 84 3.09 -12.15 2.82
CA ILE A 84 2.95 -13.34 3.68
C ILE A 84 2.05 -14.37 3.00
N SER A 85 1.01 -13.94 2.29
CA SER A 85 0.03 -14.86 1.68
C SER A 85 0.68 -15.60 0.50
N ARG A 86 1.46 -14.87 -0.30
CA ARG A 86 2.21 -15.40 -1.45
C ARG A 86 3.27 -16.40 -0.94
N TYR A 87 3.94 -16.04 0.15
CA TYR A 87 4.95 -16.88 0.83
C TYR A 87 4.29 -18.17 1.31
N GLY A 88 3.00 -18.13 1.68
CA GLY A 88 2.24 -19.34 2.06
C GLY A 88 1.94 -19.46 3.55
N ASP A 89 2.25 -18.50 4.41
CA ASP A 89 1.84 -18.53 5.84
C ASP A 89 0.38 -18.02 5.93
N VAL A 90 -0.55 -18.93 5.68
CA VAL A 90 -2.03 -18.76 5.74
C VAL A 90 -2.43 -18.36 7.17
N ALA A 91 -1.78 -18.94 8.19
CA ALA A 91 -2.10 -18.65 9.60
C ALA A 91 -1.87 -17.14 9.90
N SER A 92 -0.68 -16.63 9.61
CA SER A 92 -0.31 -15.23 9.91
C SER A 92 -1.23 -14.24 9.15
N ALA A 93 -1.34 -14.41 7.84
CA ALA A 93 -2.19 -13.58 6.96
C ALA A 93 -3.62 -13.55 7.50
N GLY A 94 -4.18 -14.73 7.80
CA GLY A 94 -5.52 -14.89 8.38
C GLY A 94 -5.70 -14.12 9.67
N ARG A 95 -4.72 -14.16 10.57
CA ARG A 95 -4.81 -13.46 11.88
C ARG A 95 -4.83 -11.94 11.65
N PHE A 96 -4.12 -11.46 10.65
CA PHE A 96 -4.12 -10.03 10.29
C PHE A 96 -5.49 -9.67 9.73
N HIS A 97 -6.05 -10.48 8.82
CA HIS A 97 -7.41 -10.23 8.26
C HIS A 97 -8.43 -10.29 9.40
N ASP A 98 -8.29 -11.22 10.33
CA ASP A 98 -9.21 -11.32 11.49
C ASP A 98 -9.12 -10.00 12.26
N TRP A 99 -7.92 -9.48 12.49
CA TRP A 99 -7.73 -8.25 13.29
C TRP A 99 -8.43 -7.08 12.58
N VAL A 100 -8.15 -6.89 11.28
CA VAL A 100 -8.75 -5.76 10.52
C VAL A 100 -10.27 -5.90 10.56
N ASP A 101 -10.78 -7.07 10.21
CA ASP A 101 -12.22 -7.37 10.18
C ASP A 101 -12.85 -6.91 11.50
N GLY A 102 -12.30 -7.35 12.64
CA GLY A 102 -12.89 -7.01 13.94
C GLY A 102 -12.80 -5.52 14.25
N VAL A 103 -11.71 -4.88 13.83
CA VAL A 103 -11.54 -3.41 14.04
C VAL A 103 -12.65 -2.70 13.25
N LEU A 104 -12.89 -3.12 12.01
CA LEU A 104 -13.95 -2.52 11.15
C LEU A 104 -15.35 -2.84 11.66
N ARG A 105 -15.63 -4.07 12.10
CA ARG A 105 -16.99 -4.36 12.63
C ARG A 105 -17.30 -3.43 13.79
N ARG A 106 -16.30 -3.07 14.61
CA ARG A 106 -16.49 -2.18 15.78
C ARG A 106 -16.83 -0.75 15.34
N ARG A 107 -16.53 -0.40 14.08
CA ARG A 107 -16.82 0.91 13.45
C ARG A 107 -18.13 0.89 12.64
N ARG A 108 -18.93 -0.17 12.73
CA ARG A 108 -20.25 -0.25 12.06
C ARG A 108 -21.14 0.97 12.44
N GLY A 109 -21.20 1.34 13.72
CA GLY A 109 -22.02 2.47 14.19
C GLY A 109 -21.44 3.79 13.71
N GLN A 110 -20.14 3.99 13.85
CA GLN A 110 -19.48 5.23 13.38
C GLN A 110 -19.78 5.41 11.89
N VAL A 111 -19.60 4.35 11.10
CA VAL A 111 -19.78 4.47 9.63
C VAL A 111 -21.26 4.73 9.35
N ASP A 112 -22.20 4.05 10.03
CA ASP A 112 -23.64 4.26 9.80
C ASP A 112 -23.98 5.74 10.11
N ASP A 113 -23.46 6.27 11.22
CA ASP A 113 -23.60 7.68 11.68
C ASP A 113 -23.08 8.65 10.62
N LEU A 114 -21.90 8.42 10.08
CA LEU A 114 -21.35 9.23 8.97
C LEU A 114 -22.30 9.21 7.76
N LEU A 115 -22.72 8.04 7.32
CA LEU A 115 -23.59 7.93 6.12
C LEU A 115 -24.90 8.69 6.38
N ALA A 116 -25.49 8.57 7.56
CA ALA A 116 -26.78 9.19 7.90
C ALA A 116 -26.57 10.70 7.88
N ALA A 117 -25.40 11.17 8.30
CA ALA A 117 -25.04 12.61 8.31
C ALA A 117 -25.00 13.11 6.87
N VAL A 118 -24.35 12.37 5.99
CA VAL A 118 -24.35 12.68 4.52
C VAL A 118 -25.82 12.74 4.07
N ASP A 119 -26.65 11.74 4.39
CA ASP A 119 -28.06 11.67 3.94
C ASP A 119 -28.85 12.91 4.40
N ARG A 120 -28.59 13.49 5.56
CA ARG A 120 -29.19 14.80 5.99
C ARG A 120 -28.51 16.02 5.33
N GLY A 121 -27.59 15.83 4.37
CA GLY A 121 -26.74 16.87 3.77
C GLY A 121 -25.76 17.52 4.73
N GLU A 122 -25.30 16.88 5.82
CA GLU A 122 -24.28 17.49 6.73
C GLU A 122 -22.90 16.82 6.59
N VAL A 123 -22.23 17.02 5.45
CA VAL A 123 -20.82 16.60 5.13
C VAL A 123 -19.97 16.56 6.40
N PRO A 124 -19.70 15.37 6.97
CA PRO A 124 -18.90 15.26 8.19
C PRO A 124 -17.46 15.79 8.04
N SER A 125 -16.94 16.41 9.09
CA SER A 125 -15.55 16.91 9.15
C SER A 125 -14.57 15.75 8.98
N ASN A 126 -13.38 16.03 8.50
CA ASN A 126 -12.27 15.06 8.51
C ASN A 126 -12.05 14.52 9.93
N GLU A 127 -12.28 15.35 10.95
CA GLU A 127 -12.01 14.93 12.34
C GLU A 127 -12.91 13.76 12.77
N GLY A 128 -14.08 13.52 12.14
CA GLY A 128 -15.03 12.44 12.51
C GLY A 128 -14.85 11.16 11.69
N MET A 129 -13.91 11.14 10.77
CA MET A 129 -13.75 10.04 9.79
C MET A 129 -13.00 8.88 10.45
N LEU A 130 -12.89 7.74 9.78
CA LEU A 130 -12.16 6.55 10.29
C LEU A 130 -10.67 6.89 10.30
N PRO A 131 -9.91 6.31 11.25
CA PRO A 131 -8.53 6.72 11.45
C PRO A 131 -7.54 6.16 10.44
N THR A 132 -6.32 6.69 10.51
CA THR A 132 -5.16 6.18 9.73
C THR A 132 -4.34 5.26 10.64
N ARG A 133 -3.89 5.75 11.81
CA ARG A 133 -3.15 4.92 12.78
C ARG A 133 -4.17 4.18 13.65
N PHE A 134 -3.97 2.88 13.82
CA PHE A 134 -4.68 2.08 14.82
C PHE A 134 -3.71 1.65 15.91
N THR A 135 -4.18 1.64 17.13
CA THR A 135 -3.55 0.87 18.21
C THR A 135 -3.83 -0.61 17.93
N PHE A 136 -3.03 -1.48 18.55
CA PHE A 136 -3.13 -2.95 18.35
C PHE A 136 -4.47 -3.43 18.88
N ASP A 137 -5.12 -2.68 19.78
CA ASP A 137 -6.47 -3.02 20.29
C ASP A 137 -7.57 -2.28 19.47
N GLY A 138 -7.21 -1.68 18.33
CA GLY A 138 -8.15 -1.20 17.29
C GLY A 138 -8.73 0.18 17.55
N ASN A 139 -8.12 0.97 18.44
CA ASN A 139 -8.55 2.36 18.74
C ASN A 139 -7.83 3.32 17.80
N ASP A 140 -8.34 4.55 17.64
CA ASP A 140 -7.67 5.58 16.84
C ASP A 140 -6.28 5.76 17.47
N GLY A 141 -5.23 5.66 16.68
CA GLY A 141 -3.86 5.97 17.14
C GLY A 141 -3.58 7.45 17.03
N SER A 142 -4.43 8.19 16.32
CA SER A 142 -4.24 9.62 16.00
C SER A 142 -5.61 10.22 15.67
N ASP A 143 -5.66 11.54 15.67
CA ASP A 143 -6.82 12.38 15.30
C ASP A 143 -6.85 12.49 13.78
N PRO A 144 -7.90 11.95 13.13
CA PRO A 144 -7.96 11.99 11.67
C PRO A 144 -7.89 13.41 11.10
N TRP A 145 -8.17 14.48 11.86
CA TRP A 145 -7.95 15.87 11.37
C TRP A 145 -6.53 15.98 10.79
N TRP A 146 -5.54 15.44 11.48
CA TRP A 146 -4.12 15.61 11.11
C TRP A 146 -3.65 14.57 10.10
N ASP A 147 -4.36 13.44 9.91
CA ASP A 147 -3.83 12.39 8.99
C ASP A 147 -4.90 11.62 8.21
N PHE A 148 -6.12 12.15 8.09
CA PHE A 148 -7.22 11.57 7.28
C PHE A 148 -6.70 11.02 5.94
N GLN A 149 -6.96 9.73 5.74
CA GLN A 149 -6.54 8.94 4.56
C GLN A 149 -7.60 7.86 4.32
N THR A 150 -7.93 7.58 3.07
CA THR A 150 -8.91 6.54 2.73
C THR A 150 -8.25 5.34 2.03
N ASP A 151 -6.98 5.43 1.63
CA ASP A 151 -6.36 4.40 0.74
C ASP A 151 -6.33 3.04 1.45
N GLY A 152 -6.08 3.03 2.75
CA GLY A 152 -5.87 1.80 3.54
C GLY A 152 -7.08 0.88 3.51
N TYR A 153 -8.29 1.43 3.55
CA TYR A 153 -9.54 0.63 3.50
C TYR A 153 -9.61 -0.04 2.13
N GLY A 154 -9.20 0.66 1.08
CA GLY A 154 -9.21 0.10 -0.29
C GLY A 154 -8.17 -0.99 -0.43
N MET A 155 -6.97 -0.76 0.11
CA MET A 155 -5.90 -1.78 0.10
C MET A 155 -6.36 -3.03 0.85
N TRP A 156 -7.02 -2.88 1.99
CA TRP A 156 -7.41 -4.07 2.77
C TRP A 156 -8.41 -4.91 1.95
N LEU A 157 -9.40 -4.30 1.30
CA LEU A 157 -10.38 -5.07 0.49
C LEU A 157 -9.59 -5.86 -0.56
N TRP A 158 -8.69 -5.19 -1.26
CA TRP A 158 -7.82 -5.85 -2.28
C TRP A 158 -7.08 -7.03 -1.64
N SER A 159 -6.43 -6.78 -0.52
CA SER A 159 -5.60 -7.78 0.22
C SER A 159 -6.43 -9.00 0.58
N VAL A 160 -7.57 -8.79 1.25
CA VAL A 160 -8.32 -9.95 1.80
C VAL A 160 -8.93 -10.74 0.64
N VAL A 161 -9.41 -10.08 -0.40
CA VAL A 161 -10.02 -10.81 -1.55
C VAL A 161 -8.91 -11.63 -2.21
N THR A 162 -7.74 -11.03 -2.44
CA THR A 162 -6.62 -11.70 -3.16
C THR A 162 -6.15 -12.94 -2.34
N HIS A 163 -6.12 -12.80 -1.01
CA HIS A 163 -5.72 -13.88 -0.09
C HIS A 163 -6.72 -15.03 -0.18
N ALA A 164 -8.01 -14.71 -0.09
CA ALA A 164 -9.07 -15.73 -0.10
C ALA A 164 -9.04 -16.47 -1.44
N ALA A 165 -8.88 -15.73 -2.53
CA ALA A 165 -8.77 -16.32 -3.87
C ALA A 165 -7.58 -17.27 -3.91
N ARG A 166 -6.41 -16.80 -3.54
CA ARG A 166 -5.14 -17.58 -3.63
C ARG A 166 -5.31 -18.90 -2.88
N HIS A 167 -5.98 -18.93 -1.73
CA HIS A 167 -5.93 -20.09 -0.79
C HIS A 167 -7.29 -20.77 -0.65
N GLY A 168 -8.23 -20.49 -1.54
CA GLY A 168 -9.57 -21.10 -1.52
C GLY A 168 -10.33 -20.88 -0.23
N LEU A 169 -10.30 -19.68 0.34
CA LEU A 169 -10.91 -19.41 1.67
C LEU A 169 -12.31 -18.81 1.49
N ASP A 170 -13.15 -18.96 2.50
CA ASP A 170 -14.53 -18.44 2.56
C ASP A 170 -14.49 -16.99 3.07
N LEU A 171 -14.87 -16.01 2.23
CA LEU A 171 -14.81 -14.57 2.58
C LEU A 171 -15.86 -14.25 3.64
N GLU A 172 -16.82 -15.14 3.90
CA GLU A 172 -17.82 -14.93 4.97
C GLU A 172 -17.11 -14.74 6.32
N ARG A 173 -15.92 -15.28 6.47
CA ARG A 173 -15.13 -15.11 7.70
C ARG A 173 -14.90 -13.62 7.99
N TRP A 174 -14.77 -12.81 6.94
CA TRP A 174 -14.36 -11.39 7.07
C TRP A 174 -15.44 -10.46 6.49
N ARG A 175 -16.63 -10.99 6.18
CA ARG A 175 -17.60 -10.27 5.31
C ARG A 175 -18.14 -9.03 6.06
N ALA A 176 -18.49 -9.13 7.34
CA ALA A 176 -19.10 -8.01 8.08
C ALA A 176 -18.11 -6.83 8.12
N GLY A 177 -16.81 -7.10 8.08
CA GLY A 177 -15.79 -6.04 8.07
C GLY A 177 -15.63 -5.50 6.67
N ILE A 178 -15.67 -6.38 5.67
CA ILE A 178 -15.72 -5.95 4.26
C ILE A 178 -16.90 -4.99 4.04
N ASP A 179 -18.07 -5.30 4.57
CA ASP A 179 -19.31 -4.47 4.44
C ASP A 179 -19.07 -3.08 5.01
N VAL A 180 -18.40 -2.99 6.16
CA VAL A 180 -18.10 -1.67 6.73
C VAL A 180 -17.20 -0.90 5.77
N ALA A 181 -16.09 -1.50 5.30
CA ALA A 181 -15.11 -0.82 4.42
C ALA A 181 -15.77 -0.39 3.09
N VAL A 182 -16.57 -1.25 2.48
CA VAL A 182 -17.26 -0.93 1.21
C VAL A 182 -18.22 0.26 1.43
N ASP A 183 -19.08 0.19 2.45
CA ASP A 183 -20.04 1.25 2.74
C ASP A 183 -19.29 2.58 2.86
N TYR A 184 -18.21 2.59 3.65
CA TYR A 184 -17.35 3.77 3.87
C TYR A 184 -16.78 4.27 2.55
N LEU A 185 -16.18 3.38 1.74
CA LEU A 185 -15.51 3.84 0.52
C LEU A 185 -16.53 4.34 -0.51
N LEU A 186 -17.69 3.69 -0.66
CA LEU A 186 -18.70 4.12 -1.67
C LEU A 186 -19.14 5.56 -1.36
N ALA A 187 -19.19 5.97 -0.08
CA ALA A 187 -19.59 7.33 0.35
C ALA A 187 -18.43 8.33 0.20
N PHE A 188 -17.19 7.95 0.47
CA PHE A 188 -16.11 8.95 0.69
C PHE A 188 -14.92 8.79 -0.25
N TRP A 189 -15.03 7.99 -1.28
CA TRP A 189 -13.92 7.79 -2.24
C TRP A 189 -13.44 9.11 -2.86
N ASP A 190 -14.34 10.08 -3.14
CA ASP A 190 -14.00 11.27 -3.98
C ASP A 190 -13.64 12.47 -3.09
N ARG A 191 -13.47 12.21 -1.81
CA ARG A 191 -13.14 13.23 -0.83
C ARG A 191 -11.63 13.46 -0.86
N PRO A 192 -11.17 14.72 -0.86
CA PRO A 192 -9.75 15.02 -0.71
C PRO A 192 -9.23 14.45 0.61
N CYS A 193 -8.00 13.99 0.62
CA CYS A 193 -7.37 13.48 1.87
C CYS A 193 -5.86 13.54 1.72
N TYR A 194 -5.15 13.33 2.81
CA TYR A 194 -3.69 13.17 2.81
C TYR A 194 -3.34 11.97 1.93
N ASP A 195 -2.25 12.11 1.17
CA ASP A 195 -1.64 11.04 0.35
C ASP A 195 -1.03 9.96 1.25
N TRP A 196 -0.48 8.90 0.64
CA TRP A 196 0.17 7.80 1.41
C TRP A 196 1.23 8.38 2.37
N TRP A 197 1.83 9.52 2.02
CA TRP A 197 2.98 10.18 2.71
C TRP A 197 2.48 11.22 3.71
N GLU A 198 1.16 11.30 3.94
CA GLU A 198 0.60 12.17 4.99
C GLU A 198 0.86 13.63 4.59
N GLU A 199 0.71 13.97 3.31
CA GLU A 199 0.78 15.37 2.81
C GLU A 199 -0.47 15.75 2.02
N HIS A 200 -0.78 17.04 1.99
CA HIS A 200 -1.68 17.67 1.00
C HIS A 200 -3.11 17.14 1.15
N VAL A 201 -3.71 17.39 2.32
CA VAL A 201 -5.09 16.96 2.66
C VAL A 201 -6.08 17.53 1.64
N GLU A 202 -5.74 18.62 0.94
CA GLU A 202 -6.68 19.34 0.05
C GLU A 202 -6.80 18.65 -1.32
N HIS A 203 -5.89 17.72 -1.63
CA HIS A 203 -5.79 17.10 -2.97
C HIS A 203 -6.42 15.70 -2.98
N ARG A 204 -6.62 15.20 -4.18
CA ARG A 204 -7.10 13.83 -4.46
C ARG A 204 -5.97 13.13 -5.19
N HIS A 205 -5.34 12.22 -4.48
CA HIS A 205 -4.07 11.54 -4.84
C HIS A 205 -4.39 10.32 -5.69
N VAL A 206 -3.69 10.21 -6.82
CA VAL A 206 -4.00 9.17 -7.81
C VAL A 206 -3.68 7.80 -7.21
N SER A 207 -2.66 7.61 -6.34
CA SER A 207 -2.41 6.31 -5.67
C SER A 207 -3.42 6.05 -4.54
N THR A 208 -4.13 7.08 -4.05
CA THR A 208 -5.24 6.84 -3.09
C THR A 208 -6.47 6.36 -3.87
N LEU A 209 -6.85 7.10 -4.90
CA LEU A 209 -7.94 6.72 -5.83
C LEU A 209 -7.64 5.32 -6.38
N GLY A 210 -6.38 5.03 -6.70
CA GLY A 210 -5.96 3.71 -7.22
C GLY A 210 -6.22 2.61 -6.19
N ALA A 211 -5.77 2.80 -4.96
CA ALA A 211 -5.97 1.83 -3.88
C ALA A 211 -7.48 1.56 -3.70
N ILE A 212 -8.30 2.62 -3.68
CA ILE A 212 -9.77 2.44 -3.50
C ILE A 212 -10.30 1.63 -4.69
N HIS A 213 -9.93 2.00 -5.92
CA HIS A 213 -10.28 1.28 -7.16
C HIS A 213 -9.95 -0.21 -7.03
N GLY A 214 -8.74 -0.55 -6.61
CA GLY A 214 -8.31 -1.96 -6.59
C GLY A 214 -9.22 -2.74 -5.64
N GLY A 215 -9.57 -2.14 -4.51
CA GLY A 215 -10.40 -2.79 -3.49
C GLY A 215 -11.80 -3.02 -4.02
N LEU A 216 -12.36 -2.01 -4.68
CA LEU A 216 -13.78 -2.04 -5.15
C LEU A 216 -13.88 -3.07 -6.28
N VAL A 217 -12.90 -3.10 -7.19
CA VAL A 217 -12.91 -4.04 -8.35
C VAL A 217 -12.72 -5.44 -7.78
N ALA A 218 -11.91 -5.59 -6.75
CA ALA A 218 -11.68 -6.92 -6.13
C ALA A 218 -13.01 -7.46 -5.59
N VAL A 219 -13.73 -6.69 -4.78
CA VAL A 219 -14.98 -7.20 -4.19
C VAL A 219 -16.03 -7.28 -5.30
N GLY A 220 -16.06 -6.34 -6.24
CA GLY A 220 -17.12 -6.30 -7.29
C GLY A 220 -17.02 -7.42 -8.32
N THR A 221 -15.86 -8.06 -8.47
CA THR A 221 -15.64 -9.16 -9.45
C THR A 221 -15.49 -10.49 -8.73
N CSX A 222 -15.77 -10.51 -7.42
CA CSX A 222 -15.62 -11.69 -6.60
CB CSX A 222 -15.19 -11.34 -5.16
SG CSX A 222 -14.80 -12.84 -4.20
C CSX A 222 -16.94 -12.46 -6.55
O CSX A 222 -17.89 -12.02 -5.89
OD CSX A 222 -13.47 -13.25 -4.85
N ALA A 223 -16.95 -13.66 -7.13
CA ALA A 223 -18.14 -14.46 -7.25
C ALA A 223 -18.77 -14.79 -5.89
N ALA A 224 -17.97 -14.99 -4.84
CA ALA A 224 -18.47 -15.25 -3.47
C ALA A 224 -19.25 -14.05 -2.95
N LEU A 225 -19.03 -12.85 -3.49
CA LEU A 225 -19.69 -11.61 -3.02
C LEU A 225 -20.78 -11.13 -4.01
N ARG A 226 -21.25 -12.01 -4.91
N ARG A 226 -21.25 -12.00 -4.92
CA ARG A 226 -22.16 -11.64 -6.04
CA ARG A 226 -22.15 -11.61 -6.04
C ARG A 226 -23.50 -11.15 -5.51
C ARG A 226 -23.50 -11.12 -5.50
N SER A 227 -23.92 -11.57 -4.31
CA SER A 227 -25.24 -11.25 -3.74
C SER A 227 -25.14 -10.07 -2.77
N ALA A 228 -23.96 -9.53 -2.52
CA ALA A 228 -23.87 -8.35 -1.64
C ALA A 228 -24.73 -7.24 -2.24
N PRO A 229 -25.45 -6.49 -1.40
CA PRO A 229 -26.27 -5.39 -1.90
C PRO A 229 -25.46 -4.29 -2.62
N TRP A 230 -24.18 -4.17 -2.28
CA TRP A 230 -23.28 -3.17 -2.90
C TRP A 230 -22.55 -3.75 -4.11
N SER A 231 -22.80 -5.00 -4.51
CA SER A 231 -22.00 -5.64 -5.58
C SER A 231 -21.86 -4.74 -6.81
N ALA A 232 -22.97 -4.36 -7.44
CA ALA A 232 -22.92 -3.62 -8.73
C ALA A 232 -22.38 -2.21 -8.49
N ALA A 233 -22.73 -1.58 -7.35
CA ALA A 233 -22.27 -0.24 -6.97
C ALA A 233 -20.73 -0.15 -6.95
N THR A 234 -20.01 -1.18 -6.50
CA THR A 234 -18.53 -1.17 -6.41
C THR A 234 -17.95 -1.00 -7.78
N LEU A 235 -18.52 -1.66 -8.79
CA LEU A 235 -17.95 -1.55 -10.15
C LEU A 235 -18.35 -0.21 -10.76
N GLN A 236 -19.53 0.33 -10.43
CA GLN A 236 -19.96 1.64 -10.97
C GLN A 236 -19.07 2.74 -10.38
N VAL A 237 -18.76 2.65 -9.10
CA VAL A 237 -17.87 3.67 -8.45
C VAL A 237 -16.44 3.51 -8.95
N ALA A 238 -15.97 2.29 -9.17
CA ALA A 238 -14.63 2.06 -9.73
C ALA A 238 -14.54 2.74 -11.10
N ALA A 239 -15.62 2.67 -11.88
CA ALA A 239 -15.70 3.34 -13.20
C ALA A 239 -15.67 4.87 -13.03
N ARG A 240 -16.34 5.41 -12.00
N ARG A 240 -16.35 5.40 -12.00
CA ARG A 240 -16.31 6.87 -11.68
CA ARG A 240 -16.31 6.86 -11.68
C ARG A 240 -14.90 7.30 -11.26
C ARG A 240 -14.88 7.27 -11.33
N ILE A 241 -14.17 6.46 -10.52
CA ILE A 241 -12.75 6.75 -10.18
C ILE A 241 -11.93 6.84 -11.47
N ARG A 242 -12.09 5.86 -12.36
CA ARG A 242 -11.32 5.83 -13.64
C ARG A 242 -11.70 7.05 -14.48
N SER A 243 -12.98 7.43 -14.56
CA SER A 243 -13.38 8.68 -15.26
C SER A 243 -12.62 9.90 -14.71
N LEU A 244 -12.52 10.01 -13.38
CA LEU A 244 -11.92 11.19 -12.75
C LEU A 244 -10.40 11.21 -13.03
N VAL A 245 -9.76 10.06 -12.92
CA VAL A 245 -8.31 9.92 -13.27
C VAL A 245 -8.09 10.21 -14.77
N SER A 246 -8.97 9.78 -15.68
CA SER A 246 -8.86 10.16 -17.13
C SER A 246 -8.93 11.68 -17.26
N ALA A 247 -9.84 12.34 -16.55
CA ALA A 247 -10.11 13.78 -16.78
C ALA A 247 -8.96 14.63 -16.24
N GLU A 248 -8.37 14.24 -15.10
CA GLU A 248 -7.50 15.14 -14.31
C GLU A 248 -6.23 14.44 -13.80
N GLY A 249 -6.07 13.13 -13.99
CA GLY A 249 -4.95 12.39 -13.41
C GLY A 249 -3.96 11.86 -14.46
N VAL A 250 -4.05 12.33 -15.70
CA VAL A 250 -3.15 11.89 -16.80
C VAL A 250 -2.60 13.13 -17.49
N VAL A 251 -1.27 13.28 -17.53
CA VAL A 251 -0.63 14.38 -18.30
C VAL A 251 0.49 13.79 -19.15
N ASP A 252 0.58 14.22 -20.42
CA ASP A 252 1.64 13.79 -21.37
C ASP A 252 1.70 12.27 -21.34
N GLY A 253 0.54 11.62 -21.27
CA GLY A 253 0.41 10.16 -21.40
C GLY A 253 0.73 9.37 -20.14
N HIS A 254 1.11 10.01 -19.02
CA HIS A 254 1.41 9.32 -17.73
C HIS A 254 0.47 9.79 -16.61
N LEU A 255 0.27 8.93 -15.62
CA LEU A 255 -0.45 9.29 -14.38
C LEU A 255 0.37 10.37 -13.69
N VAL A 256 -0.31 11.15 -12.85
CA VAL A 256 0.27 12.23 -12.01
C VAL A 256 -0.06 12.01 -10.53
N LYS A 257 0.70 12.64 -9.64
CA LYS A 257 0.63 12.35 -8.18
C LYS A 257 -0.76 12.68 -7.62
N TRP A 258 -1.38 13.77 -8.08
CA TRP A 258 -2.74 14.18 -7.65
C TRP A 258 -3.46 14.88 -8.80
N LEU A 259 -4.78 14.78 -8.78
CA LEU A 259 -5.61 15.37 -9.84
C LEU A 259 -5.13 16.83 -9.98
N GLY A 260 -4.90 17.28 -11.21
CA GLY A 260 -4.53 18.69 -11.50
C GLY A 260 -3.04 18.97 -11.41
N SER A 261 -2.21 17.97 -11.10
CA SER A 261 -0.73 18.04 -11.03
C SER A 261 -0.08 17.65 -12.37
N SER A 262 1.17 18.06 -12.61
CA SER A 262 2.00 17.63 -13.78
C SER A 262 3.02 16.56 -13.37
N ALA A 263 3.32 16.46 -12.09
CA ALA A 263 4.45 15.68 -11.54
C ALA A 263 4.02 14.25 -11.18
N VAL A 264 5.01 13.39 -11.01
CA VAL A 264 4.78 11.96 -10.65
C VAL A 264 5.14 11.78 -9.20
N ASP A 265 4.75 10.62 -8.68
CA ASP A 265 5.05 10.17 -7.30
C ASP A 265 5.47 8.71 -7.43
N GLY A 266 6.35 8.26 -6.57
CA GLY A 266 6.87 6.88 -6.57
C GLY A 266 5.79 5.83 -6.35
N SER A 267 4.64 6.19 -5.73
CA SER A 267 3.51 5.27 -5.46
C SER A 267 2.72 4.94 -6.74
N LEU A 268 2.85 5.74 -7.81
CA LEU A 268 1.93 5.65 -8.98
C LEU A 268 1.96 4.26 -9.63
N PRO A 269 3.09 3.52 -9.71
CA PRO A 269 3.05 2.21 -10.37
C PRO A 269 2.02 1.28 -9.69
N ALA A 270 1.68 1.51 -8.43
CA ALA A 270 0.68 0.72 -7.68
C ALA A 270 -0.66 0.82 -8.39
N CYS A 271 -0.87 1.89 -9.16
CA CYS A 271 -2.11 2.16 -9.93
C CYS A 271 -2.20 1.26 -11.16
N VAL A 272 -1.10 0.61 -11.54
CA VAL A 272 -1.07 -0.41 -12.63
C VAL A 272 -1.19 -1.77 -11.94
N VAL A 273 -0.12 -2.23 -11.33
CA VAL A 273 -0.16 -3.46 -10.49
C VAL A 273 0.14 -3.02 -9.07
N PRO A 274 -0.70 -3.39 -8.07
CA PRO A 274 -1.87 -4.25 -8.25
C PRO A 274 -3.28 -3.66 -8.36
N PHE A 275 -3.44 -2.33 -8.36
CA PHE A 275 -4.74 -1.64 -8.18
C PHE A 275 -5.50 -1.54 -9.52
N GLY A 276 -4.82 -1.53 -10.66
CA GLY A 276 -5.50 -1.78 -11.95
C GLY A 276 -6.31 -0.61 -12.50
N LEU A 277 -5.93 0.66 -12.29
CA LEU A 277 -6.51 1.78 -13.09
C LEU A 277 -6.30 1.50 -14.59
N VAL A 278 -5.13 0.94 -14.92
CA VAL A 278 -4.78 0.40 -16.26
C VAL A 278 -3.96 -0.88 -16.06
N PRO A 279 -4.01 -1.82 -17.02
CA PRO A 279 -3.17 -3.01 -16.96
C PRO A 279 -1.75 -2.71 -17.45
N PRO A 280 -0.79 -3.61 -17.14
CA PRO A 280 0.61 -3.48 -17.54
C PRO A 280 0.86 -3.13 -19.01
N ASP A 281 0.08 -3.67 -19.95
CA ASP A 281 0.32 -3.50 -21.41
C ASP A 281 -0.19 -2.12 -21.86
N ASP A 282 -0.85 -1.34 -21.00
CA ASP A 282 -1.53 -0.10 -21.48
C ASP A 282 -0.47 0.96 -21.71
N ASP A 283 -0.61 1.82 -22.70
CA ASP A 283 0.40 2.88 -22.96
C ASP A 283 0.53 3.80 -21.75
N VAL A 284 -0.54 4.04 -21.00
CA VAL A 284 -0.42 4.93 -19.82
C VAL A 284 0.44 4.22 -18.77
N ALA A 285 0.38 2.90 -18.69
CA ALA A 285 1.15 2.13 -17.70
C ALA A 285 2.64 2.26 -18.06
N ALA A 286 2.95 2.07 -19.35
CA ALA A 286 4.32 2.17 -19.89
C ALA A 286 4.83 3.58 -19.60
N MET A 287 4.04 4.60 -19.94
CA MET A 287 4.50 6.00 -19.80
C MET A 287 4.73 6.34 -18.34
N THR A 288 3.95 5.71 -17.45
CA THR A 288 3.98 5.97 -16.00
C THR A 288 5.25 5.29 -15.42
N ARG A 289 5.51 4.03 -15.75
CA ARG A 289 6.74 3.31 -15.33
C ARG A 289 7.99 4.14 -15.73
N ALA A 290 8.01 4.65 -16.97
CA ALA A 290 9.11 5.41 -17.61
C ALA A 290 9.27 6.75 -16.91
N ALA A 291 8.16 7.41 -16.60
CA ALA A 291 8.18 8.74 -15.94
C ALA A 291 8.67 8.57 -14.51
N VAL A 292 8.20 7.55 -13.82
CA VAL A 292 8.66 7.28 -12.43
C VAL A 292 10.16 6.97 -12.48
N ALA A 293 10.57 6.07 -13.38
CA ALA A 293 11.99 5.65 -13.49
C ALA A 293 12.83 6.91 -13.77
N LYS A 294 12.46 7.72 -14.75
CA LYS A 294 13.26 8.89 -15.17
C LYS A 294 13.29 9.90 -14.04
N ASP A 295 12.14 10.19 -13.41
CA ASP A 295 12.06 11.37 -12.51
C ASP A 295 12.53 10.99 -11.10
N LEU A 296 12.43 9.74 -10.67
CA LEU A 296 12.54 9.44 -9.20
C LEU A 296 13.44 8.24 -8.94
N ASP A 297 13.80 7.46 -9.97
CA ASP A 297 14.62 6.24 -9.78
C ASP A 297 16.10 6.64 -9.97
N VAL A 298 16.92 6.54 -8.94
CA VAL A 298 18.41 6.70 -9.07
C VAL A 298 19.09 5.36 -8.77
N ASP A 299 19.72 4.75 -9.79
CA ASP A 299 20.50 3.48 -9.73
C ASP A 299 19.69 2.40 -9.01
N GLY A 300 18.38 2.34 -9.25
CA GLY A 300 17.50 1.29 -8.69
C GLY A 300 16.82 1.71 -7.40
N GLY A 301 17.19 2.87 -6.86
CA GLY A 301 16.59 3.41 -5.62
C GLY A 301 15.52 4.44 -5.95
N VAL A 302 14.25 4.19 -5.58
CA VAL A 302 13.12 5.07 -6.00
C VAL A 302 12.80 6.04 -4.85
N HIS A 303 12.83 7.32 -5.14
CA HIS A 303 12.40 8.44 -4.27
C HIS A 303 10.86 8.57 -4.29
N ARG A 304 10.30 9.19 -3.25
CA ARG A 304 8.83 9.36 -3.06
C ARG A 304 8.30 10.43 -4.00
N PHE A 305 8.86 11.63 -3.92
CA PHE A 305 8.44 12.82 -4.72
C PHE A 305 9.57 13.86 -4.64
N ALA A 306 9.64 14.73 -5.64
CA ALA A 306 10.73 15.72 -5.86
C ALA A 306 11.00 16.56 -4.60
N ALA A 307 9.96 16.98 -3.86
CA ALA A 307 10.11 17.91 -2.72
C ALA A 307 10.39 17.19 -1.39
N ASP A 308 10.61 15.89 -1.41
CA ASP A 308 10.63 15.07 -0.17
C ASP A 308 11.89 15.45 0.65
N VAL A 309 11.68 15.94 1.87
CA VAL A 309 12.76 16.35 2.81
C VAL A 309 12.81 15.40 3.99
N TYR A 310 11.96 14.37 4.03
CA TYR A 310 11.93 13.39 5.14
C TYR A 310 13.24 12.58 5.05
N TYR A 311 14.08 12.72 6.07
CA TYR A 311 15.45 12.13 6.11
C TYR A 311 16.22 12.49 4.85
N GLY A 312 15.97 13.70 4.34
CA GLY A 312 16.63 14.26 3.14
C GLY A 312 16.05 13.74 1.84
N GLY A 313 15.00 12.93 1.89
CA GLY A 313 14.41 12.41 0.64
C GLY A 313 15.25 11.30 0.06
N GLY A 314 15.33 10.20 0.79
CA GLY A 314 16.10 9.02 0.40
C GLY A 314 15.33 8.08 -0.49
N GLN A 315 15.92 6.92 -0.69
CA GLN A 315 15.51 5.92 -1.68
C GLN A 315 14.76 4.85 -0.90
N TRP A 316 13.52 4.61 -1.29
CA TRP A 316 12.57 3.77 -0.52
C TRP A 316 12.54 2.35 -1.08
N ILE A 317 12.85 1.38 -0.22
CA ILE A 317 12.88 -0.06 -0.60
C ILE A 317 11.50 -0.45 -1.17
N LEU A 318 10.41 -0.07 -0.51
CA LEU A 318 9.05 -0.49 -0.96
C LEU A 318 8.74 0.11 -2.33
N LEU A 319 9.25 1.30 -2.64
CA LEU A 319 9.01 1.91 -3.96
C LEU A 319 9.85 1.23 -5.05
N SER A 320 11.09 0.87 -4.74
CA SER A 320 11.91 0.06 -5.70
C SER A 320 11.20 -1.26 -5.93
N ALA A 321 10.68 -1.89 -4.89
CA ALA A 321 9.96 -3.19 -5.00
C ALA A 321 8.70 -3.00 -5.87
N LEU A 322 7.94 -1.92 -5.63
CA LEU A 322 6.70 -1.63 -6.39
C LEU A 322 7.04 -1.43 -7.86
N LEU A 323 8.05 -0.61 -8.18
CA LEU A 323 8.44 -0.41 -9.60
C LEU A 323 8.92 -1.75 -10.17
N GLY A 324 9.68 -2.53 -9.41
CA GLY A 324 10.15 -3.84 -9.88
C GLY A 324 9.01 -4.79 -10.22
N TRP A 325 8.06 -4.90 -9.30
CA TRP A 325 6.81 -5.68 -9.48
C TRP A 325 6.13 -5.32 -10.81
N ASN A 326 6.02 -4.04 -11.09
CA ASN A 326 5.30 -3.52 -12.28
C ASN A 326 6.09 -3.82 -13.56
N LEU A 327 7.43 -3.71 -13.50
CA LEU A 327 8.31 -4.11 -14.64
C LEU A 327 8.17 -5.62 -14.88
N ALA A 328 8.19 -6.44 -13.83
CA ALA A 328 7.94 -7.90 -13.94
C ALA A 328 6.61 -8.12 -14.66
N ALA A 329 5.55 -7.49 -14.17
CA ALA A 329 4.20 -7.73 -14.71
C ALA A 329 4.14 -7.32 -16.19
N ALA A 330 4.96 -6.35 -16.60
CA ALA A 330 4.92 -5.81 -17.98
C ALA A 330 5.87 -6.61 -18.89
N GLY A 331 6.52 -7.66 -18.37
CA GLY A 331 7.43 -8.53 -19.15
C GLY A 331 8.88 -8.06 -19.13
N ASP A 332 9.21 -7.01 -18.38
CA ASP A 332 10.59 -6.52 -18.19
C ASP A 332 11.20 -7.18 -16.94
N THR A 333 11.47 -8.48 -17.01
CA THR A 333 12.17 -9.29 -15.97
C THR A 333 13.52 -8.68 -15.57
N ALA A 334 14.32 -8.22 -16.53
CA ALA A 334 15.65 -7.62 -16.29
C ALA A 334 15.46 -6.40 -15.38
N GLY A 335 14.61 -5.48 -15.85
CA GLY A 335 14.28 -4.26 -15.09
C GLY A 335 13.86 -4.63 -13.67
N ALA A 336 13.06 -5.70 -13.56
CA ALA A 336 12.51 -6.19 -12.28
C ALA A 336 13.68 -6.71 -11.44
N LEU A 337 14.49 -7.62 -11.99
CA LEU A 337 15.71 -8.15 -11.30
C LEU A 337 16.63 -7.01 -10.81
N ARG A 338 16.94 -6.04 -11.66
CA ARG A 338 17.82 -4.92 -11.25
C ARG A 338 17.28 -4.31 -9.95
N HIS A 339 15.96 -4.06 -9.86
CA HIS A 339 15.37 -3.41 -8.65
C HIS A 339 15.41 -4.35 -7.46
N LEU A 340 15.20 -5.65 -7.68
CA LEU A 340 15.26 -6.64 -6.58
C LEU A 340 16.67 -6.69 -5.97
N ARG A 341 17.69 -6.69 -6.83
CA ARG A 341 19.11 -6.70 -6.40
C ARG A 341 19.40 -5.39 -5.65
N TRP A 342 18.98 -4.26 -6.21
CA TRP A 342 19.14 -2.99 -5.47
C TRP A 342 18.59 -3.15 -4.05
N ILE A 343 17.38 -3.68 -3.91
CA ILE A 343 16.72 -3.78 -2.57
C ILE A 343 17.61 -4.67 -1.70
N ALA A 344 18.00 -5.82 -2.25
CA ALA A 344 18.75 -6.86 -1.52
C ALA A 344 20.05 -6.26 -0.98
N ASP A 345 20.70 -5.40 -1.76
CA ASP A 345 21.95 -4.69 -1.35
C ASP A 345 21.70 -3.69 -0.21
N GLN A 346 20.45 -3.40 0.18
CA GLN A 346 20.16 -2.47 1.32
C GLN A 346 19.89 -3.27 2.60
N ALA A 347 19.77 -4.59 2.52
CA ALA A 347 19.64 -5.44 3.71
C ALA A 347 20.85 -5.16 4.63
N ASP A 348 20.63 -5.10 5.93
CA ASP A 348 21.72 -4.84 6.91
C ASP A 348 22.30 -6.19 7.39
N ALA A 349 23.21 -6.13 8.38
CA ALA A 349 23.84 -7.26 9.07
C ALA A 349 22.86 -8.42 9.20
N ASP A 350 21.71 -8.19 9.86
CA ASP A 350 20.72 -9.23 10.26
C ASP A 350 19.79 -9.58 9.08
N GLY A 351 19.93 -8.93 7.92
CA GLY A 351 19.03 -9.10 6.77
C GLY A 351 17.77 -8.24 6.87
N ASP A 352 17.72 -7.30 7.82
CA ASP A 352 16.64 -6.30 8.00
C ASP A 352 16.71 -5.26 6.89
N LEU A 353 15.54 -4.94 6.33
CA LEU A 353 15.34 -3.91 5.28
C LEU A 353 14.84 -2.64 5.94
N PRO A 354 15.56 -1.53 5.70
CA PRO A 354 15.11 -0.23 6.18
C PRO A 354 13.98 0.30 5.27
N GLU A 355 13.36 1.36 5.75
CA GLU A 355 12.34 2.14 5.03
C GLU A 355 12.99 2.69 3.78
N GLN A 356 14.12 3.37 3.99
CA GLN A 356 14.84 4.11 2.95
C GLN A 356 16.34 4.09 3.26
N VAL A 357 17.16 4.46 2.28
CA VAL A 357 18.64 4.53 2.40
C VAL A 357 19.07 5.86 1.80
N PRO A 358 20.13 6.50 2.33
CA PRO A 358 20.59 7.77 1.80
C PRO A 358 21.66 7.79 0.69
N HIS A 359 21.85 6.73 -0.10
CA HIS A 359 22.89 6.71 -1.17
C HIS A 359 22.73 7.91 -2.10
N HIS A 360 21.49 8.22 -2.53
CA HIS A 360 21.12 9.50 -3.18
C HIS A 360 20.05 10.13 -2.30
N LEU A 361 20.18 11.44 -2.08
CA LEU A 361 19.23 12.29 -1.28
C LEU A 361 18.76 13.43 -2.17
N LEU A 362 17.46 13.73 -2.11
CA LEU A 362 16.87 14.80 -2.93
C LEU A 362 17.19 16.13 -2.28
N HIS A 363 17.23 16.16 -0.95
CA HIS A 363 17.48 17.39 -0.14
C HIS A 363 18.37 17.05 1.04
N PRO A 364 19.71 16.84 0.82
CA PRO A 364 20.60 16.28 1.84
C PRO A 364 20.69 17.11 3.14
N GLY A 365 20.58 18.43 3.03
CA GLY A 365 20.59 19.38 4.16
C GLY A 365 19.52 19.06 5.20
N SER A 366 18.40 18.43 4.81
CA SER A 366 17.26 18.14 5.74
C SER A 366 17.48 16.87 6.55
N ARG A 367 18.39 15.98 6.15
CA ARG A 367 18.56 14.66 6.83
C ARG A 367 18.87 14.82 8.34
N ALA A 368 19.84 15.65 8.73
CA ALA A 368 20.41 15.66 10.11
C ALA A 368 19.30 15.92 11.11
N GLU A 369 18.45 16.92 10.87
CA GLU A 369 17.38 17.31 11.82
C GLU A 369 16.41 16.11 12.03
N TRP A 370 16.17 15.26 11.01
CA TRP A 370 15.25 14.08 11.13
C TRP A 370 15.92 13.04 12.03
N VAL A 371 17.17 12.68 11.76
CA VAL A 371 17.95 11.72 12.60
C VAL A 371 17.96 12.23 14.05
N ALA A 372 18.25 13.53 14.21
CA ALA A 372 18.28 14.26 15.50
C ALA A 372 16.95 14.08 16.23
N ARG A 373 15.83 14.36 15.55
CA ARG A 373 14.48 14.32 16.17
C ARG A 373 14.02 12.87 16.38
N TRP A 374 14.09 11.99 15.38
CA TRP A 374 13.34 10.71 15.41
C TRP A 374 14.27 9.49 15.45
N GLY A 375 15.57 9.70 15.30
CA GLY A 375 16.53 8.58 15.39
C GLY A 375 16.90 8.11 14.01
N THR A 376 17.61 6.99 13.91
CA THR A 376 18.02 6.46 12.58
C THR A 376 16.75 5.89 11.93
N VAL A 377 16.74 5.79 10.59
CA VAL A 377 15.54 5.51 9.77
C VAL A 377 14.98 4.15 10.22
N ALA A 378 13.65 4.03 10.23
CA ALA A 378 12.91 2.79 10.62
C ALA A 378 13.58 1.57 9.96
N THR A 379 13.91 0.59 10.79
CA THR A 379 14.61 -0.67 10.41
C THR A 379 14.41 -1.69 11.50
N PRO A 380 13.78 -2.86 11.20
CA PRO A 380 13.17 -3.12 9.90
C PRO A 380 11.88 -2.30 9.70
N LEU A 381 11.51 -2.02 8.46
CA LEU A 381 10.12 -1.62 8.10
C LEU A 381 9.41 -2.85 7.54
N LEU A 382 8.37 -3.37 8.20
CA LEU A 382 7.71 -4.66 7.77
C LEU A 382 7.23 -4.53 6.33
N TRP A 383 6.72 -3.35 5.94
CA TRP A 383 6.25 -3.11 4.56
C TRP A 383 7.43 -3.29 3.59
N SER A 384 8.65 -2.93 3.99
CA SER A 384 9.85 -3.17 3.13
C SER A 384 9.95 -4.67 2.84
N HIS A 385 9.79 -5.48 3.89
CA HIS A 385 9.90 -6.96 3.80
C HIS A 385 8.72 -7.55 3.02
N GLY A 386 7.53 -6.96 3.17
CA GLY A 386 6.35 -7.50 2.48
C GLY A 386 6.53 -7.30 1.01
N MET A 387 6.98 -6.10 0.61
CA MET A 387 7.18 -5.78 -0.81
C MET A 387 8.32 -6.63 -1.34
N TYR A 388 9.32 -6.94 -0.52
CA TYR A 388 10.42 -7.84 -0.94
C TYR A 388 9.83 -9.20 -1.36
N LEU A 389 9.05 -9.79 -0.48
CA LEU A 389 8.40 -11.11 -0.73
C LEU A 389 7.55 -11.08 -1.99
N ILE A 390 6.81 -10.00 -2.25
CA ILE A 390 5.95 -9.90 -3.47
C ILE A 390 6.85 -9.90 -4.72
N LEU A 391 7.87 -9.05 -4.76
CA LEU A 391 8.74 -8.93 -5.97
C LEU A 391 9.47 -10.27 -6.20
N ALA A 392 10.01 -10.86 -5.15
CA ALA A 392 10.66 -12.20 -5.19
C ALA A 392 9.69 -13.19 -5.82
N ASP A 393 8.46 -13.27 -5.29
CA ASP A 393 7.38 -14.13 -5.81
C ASP A 393 7.11 -13.80 -7.29
N GLU A 394 6.96 -12.55 -7.70
CA GLU A 394 6.68 -12.22 -9.11
C GLU A 394 7.78 -12.82 -9.99
N LEU A 395 8.99 -13.00 -9.44
CA LEU A 395 10.17 -13.47 -10.21
C LEU A 395 10.42 -14.97 -9.99
N GLY A 396 9.60 -15.63 -9.19
CA GLY A 396 9.69 -17.07 -8.96
C GLY A 396 10.87 -17.44 -8.08
N LEU A 397 11.25 -16.58 -7.11
CA LEU A 397 12.45 -16.76 -6.25
C LEU A 397 12.11 -17.01 -4.78
N LEU A 398 10.88 -17.42 -4.43
CA LEU A 398 10.61 -17.80 -3.02
C LEU A 398 11.21 -19.19 -2.79
N PRO A 399 11.68 -19.53 -1.56
CA PRO A 399 12.31 -20.84 -1.30
C PRO A 399 11.31 -21.97 -1.54
N PRO A 400 11.76 -23.18 -1.95
CA PRO A 400 10.89 -24.15 -2.63
C PRO A 400 10.26 -25.20 -1.72
C1 GOL B . 4.39 3.93 8.29
O1 GOL B . 5.25 3.08 7.55
C2 GOL B . 4.05 5.20 7.50
O2 GOL B . 5.16 6.12 7.57
C3 GOL B . 3.71 4.94 6.05
O3 GOL B . 2.70 3.95 5.89
C1 GOL C . -6.32 -8.17 -21.99
O1 GOL C . -6.74 -8.92 -20.85
C2 GOL C . -5.16 -7.25 -21.70
O2 GOL C . -4.63 -6.71 -22.92
C3 GOL C . -5.52 -6.09 -20.79
O3 GOL C . -6.12 -6.52 -19.58
C1 GOL D . 5.81 9.48 6.79
C1 GOL D . 5.96 9.09 7.27
O1 GOL D . 5.62 8.71 5.59
O1 GOL D . 5.21 8.70 8.41
C2 GOL D . 6.24 10.91 6.48
C2 GOL D . 5.59 10.49 6.81
O2 GOL D . 5.87 11.24 5.13
O2 GOL D . 5.82 10.60 5.40
C3 GOL D . 5.67 11.95 7.44
C3 GOL D . 6.32 11.58 7.58
O3 GOL D . 6.45 13.13 7.49
O3 GOL D . 6.92 12.55 6.72
C1 GOL E . -8.18 6.04 -15.90
O1 GOL E . -7.76 5.04 -14.97
C2 GOL E . -7.55 5.78 -17.24
O2 GOL E . -7.61 4.37 -17.47
C3 GOL E . -6.11 6.26 -17.32
O3 GOL E . -5.72 6.56 -18.66
C1 CIT F . -26.01 -12.13 3.63
O1 CIT F . -26.13 -12.03 2.41
O2 CIT F . -26.37 -13.14 4.27
C2 CIT F . -25.36 -11.00 4.41
C3 CIT F . -24.13 -11.43 5.23
O7 CIT F . -23.30 -12.19 4.37
C4 CIT F . -23.42 -10.18 5.77
C5 CIT F . -22.36 -10.47 6.84
O3 CIT F . -21.95 -11.67 7.03
O4 CIT F . -21.96 -9.48 7.51
C6 CIT F . -24.58 -12.36 6.41
O5 CIT F . -24.01 -13.49 6.49
O6 CIT F . -25.47 -11.94 7.18
N NH4 G . 2.40 -10.46 -11.79
#